data_7JY3
#
_entry.id   7JY3
#
_cell.length_a   53.770
_cell.length_b   82.470
_cell.length_c   65.080
_cell.angle_alpha   90.000
_cell.angle_beta   99.540
_cell.angle_gamma   90.000
#
_symmetry.space_group_name_H-M   'P 1 21 1'
#
loop_
_entity.id
_entity.type
_entity.pdbx_description
1 polymer 'Hemoglobin subunit alpha'
2 polymer 'Hemoglobin subunit beta'
3 non-polymer 'PROTOPORPHYRIN IX CONTAINING FE'
4 non-polymer 'OXYGEN MOLECULE'
5 non-polymer 1,4,7,10,13,16-HEXAOXACYCLOOCTADECANE
6 non-polymer 6-{(1S)-1-[(2-amino-6-fluoroquinolin-3-yl)oxy]ethyl}-5-(1H-pyrazol-1-yl)pyridin-2(1H)-one
7 water water
#
loop_
_entity_poly.entity_id
_entity_poly.type
_entity_poly.pdbx_seq_one_letter_code
_entity_poly.pdbx_strand_id
1 'polypeptide(L)'
;VLSPADKTNVKAAWGKVGAHAGEYGAEALERMFLSFPTTKTYFPHFDLSHGSAQVKGHGKKVADALTNAVAHVDDMPNAL
SALSDLHAHKLRVDPVNFKLLSHCLLVTLAAHLPAEFTPAVHASLDKFLASVSTVLTSKYR
;
A,C
2 'polypeptide(L)'
;VHLTPEEKSAVTALWGKVNVDEVGGEALGRLLVVYPWTQRFFESFGDLSTPDAVMGNPKVKAHGKKVLGAFSDGLAHLDN
LKGTFATLSELHCDKLHVDPENFRLLGNVLVCVLAHHFGKEFTPPVQAAYQKVVAGVANALAHKYH
;
B,D
#
# COMPACT_ATOMS: atom_id res chain seq x y z
N VAL A 1 5.42 -2.48 13.43
CA VAL A 1 6.10 -2.64 14.73
C VAL A 1 5.10 -3.27 15.71
N LEU A 2 5.48 -4.41 16.31
CA LEU A 2 4.63 -5.16 17.22
C LEU A 2 4.78 -4.75 18.67
N SER A 3 3.66 -4.64 19.40
CA SER A 3 3.69 -4.36 20.84
C SER A 3 3.89 -5.67 21.61
N PRO A 4 4.23 -5.61 22.93
CA PRO A 4 4.33 -6.86 23.71
C PRO A 4 3.00 -7.63 23.74
N ALA A 5 1.85 -6.94 23.83
CA ALA A 5 0.52 -7.58 23.82
C ALA A 5 0.25 -8.26 22.47
N ASP A 6 0.70 -7.65 21.34
CA ASP A 6 0.53 -8.25 20.00
C ASP A 6 1.26 -9.59 19.95
N LYS A 7 2.48 -9.65 20.48
CA LYS A 7 3.27 -10.89 20.46
C LYS A 7 2.54 -11.98 21.26
N THR A 8 2.01 -11.62 22.42
CA THR A 8 1.25 -12.54 23.26
C THR A 8 -0.03 -13.01 22.58
N ASN A 9 -0.78 -12.10 21.95
CA ASN A 9 -2.01 -12.42 21.22
C ASN A 9 -1.73 -13.40 20.07
N VAL A 10 -0.65 -13.16 19.30
CA VAL A 10 -0.23 -14.03 18.18
C VAL A 10 0.18 -15.42 18.70
N LYS A 11 0.98 -15.48 19.79
CA LYS A 11 1.42 -16.74 20.39
C LYS A 11 0.23 -17.55 20.89
N ALA A 12 -0.80 -16.89 21.46
CA ALA A 12 -2.00 -17.55 21.95
C ALA A 12 -2.82 -18.11 20.80
N ALA A 13 -3.11 -17.28 19.78
CA ALA A 13 -3.91 -17.68 18.62
C ALA A 13 -3.22 -18.77 17.81
N TRP A 14 -1.93 -18.56 17.50
CA TRP A 14 -1.16 -19.55 16.71
C TRP A 14 -0.93 -20.83 17.47
N GLY A 15 -0.87 -20.75 18.80
CA GLY A 15 -0.72 -21.91 19.66
C GLY A 15 -1.96 -22.79 19.61
N LYS A 16 -3.15 -22.15 19.51
CA LYS A 16 -4.44 -22.85 19.44
C LYS A 16 -4.59 -23.64 18.11
N VAL A 17 -3.87 -23.21 17.07
CA VAL A 17 -3.84 -23.89 15.76
C VAL A 17 -3.14 -25.23 15.95
N GLY A 18 -2.08 -25.21 16.77
CA GLY A 18 -1.27 -26.36 17.15
C GLY A 18 -0.82 -27.25 16.01
N ALA A 19 -1.25 -28.52 16.07
CA ALA A 19 -0.96 -29.59 15.11
C ALA A 19 -1.68 -29.46 13.75
N HIS A 20 -2.78 -28.68 13.68
CA HIS A 20 -3.53 -28.47 12.43
C HIS A 20 -2.95 -27.32 11.57
N ALA A 21 -1.78 -26.75 11.98
CA ALA A 21 -1.11 -25.63 11.29
C ALA A 21 -1.03 -25.81 9.76
N GLY A 22 -0.60 -26.99 9.33
CA GLY A 22 -0.48 -27.38 7.92
C GLY A 22 -1.78 -27.30 7.16
N GLU A 23 -2.88 -27.72 7.81
CA GLU A 23 -4.23 -27.69 7.27
C GLU A 23 -4.67 -26.24 7.02
N TYR A 24 -4.38 -25.33 7.98
CA TYR A 24 -4.72 -23.91 7.87
C TYR A 24 -3.89 -23.26 6.77
N GLY A 25 -2.62 -23.64 6.67
CA GLY A 25 -1.70 -23.17 5.64
C GLY A 25 -2.18 -23.54 4.25
N ALA A 26 -2.56 -24.83 4.06
CA ALA A 26 -3.09 -25.35 2.79
C ALA A 26 -4.39 -24.65 2.40
N GLU A 27 -5.31 -24.47 3.36
CA GLU A 27 -6.58 -23.80 3.09
C GLU A 27 -6.36 -22.35 2.68
N ALA A 28 -5.45 -21.60 3.37
CA ALA A 28 -5.11 -20.22 3.04
C ALA A 28 -4.60 -20.09 1.61
N LEU A 29 -3.73 -21.03 1.19
CA LEU A 29 -3.22 -21.04 -0.19
C LEU A 29 -4.34 -21.27 -1.19
N GLU A 30 -5.22 -22.27 -0.92
CA GLU A 30 -6.36 -22.60 -1.79
C GLU A 30 -7.26 -21.36 -1.92
N ARG A 31 -7.55 -20.70 -0.79
CA ARG A 31 -8.37 -19.49 -0.80
C ARG A 31 -7.71 -18.41 -1.65
N MET A 32 -6.36 -18.26 -1.53
CA MET A 32 -5.61 -17.25 -2.28
C MET A 32 -5.67 -17.54 -3.78
N PHE A 33 -5.41 -18.79 -4.19
CA PHE A 33 -5.43 -19.16 -5.62
C PHE A 33 -6.80 -18.97 -6.26
N LEU A 34 -7.88 -19.30 -5.54
CA LEU A 34 -9.24 -19.15 -6.06
C LEU A 34 -9.69 -17.69 -6.03
N SER A 35 -9.43 -16.96 -4.92
CA SER A 35 -9.88 -15.56 -4.81
C SER A 35 -9.09 -14.58 -5.64
N PHE A 36 -7.78 -14.83 -5.79
CA PHE A 36 -6.86 -13.92 -6.48
C PHE A 36 -6.06 -14.72 -7.48
N PRO A 37 -6.67 -15.09 -8.64
CA PRO A 37 -6.00 -15.99 -9.61
C PRO A 37 -4.65 -15.55 -10.13
N THR A 38 -4.31 -14.24 -10.07
CA THR A 38 -3.00 -13.76 -10.52
C THR A 38 -1.89 -14.37 -9.68
N THR A 39 -2.17 -14.72 -8.39
CA THR A 39 -1.16 -15.35 -7.51
C THR A 39 -0.68 -16.71 -8.05
N LYS A 40 -1.50 -17.40 -8.88
CA LYS A 40 -1.11 -18.68 -9.49
C LYS A 40 0.13 -18.54 -10.38
N THR A 41 0.41 -17.33 -10.90
CA THR A 41 1.57 -17.15 -11.80
C THR A 41 2.91 -17.45 -11.13
N TYR A 42 2.96 -17.43 -9.77
CA TYR A 42 4.18 -17.77 -9.06
C TYR A 42 4.35 -19.27 -8.91
N PHE A 43 3.30 -20.07 -9.20
CA PHE A 43 3.33 -21.52 -9.02
C PHE A 43 2.96 -22.27 -10.31
N PRO A 44 3.61 -21.97 -11.46
CA PRO A 44 3.25 -22.70 -12.70
C PRO A 44 3.56 -24.19 -12.62
N HIS A 45 4.53 -24.54 -11.79
CA HIS A 45 5.04 -25.89 -11.59
C HIS A 45 4.24 -26.71 -10.58
N PHE A 46 3.17 -26.12 -10.00
CA PHE A 46 2.35 -26.83 -9.06
C PHE A 46 1.10 -27.41 -9.68
N ASP A 47 0.71 -28.59 -9.16
CA ASP A 47 -0.59 -29.15 -9.43
C ASP A 47 -1.50 -28.32 -8.45
N LEU A 48 -2.40 -27.49 -9.01
CA LEU A 48 -3.27 -26.64 -8.20
C LEU A 48 -4.72 -27.10 -8.14
N SER A 49 -4.98 -28.35 -8.53
CA SER A 49 -6.31 -28.95 -8.45
C SER A 49 -6.71 -29.08 -6.96
N HIS A 50 -8.02 -29.08 -6.66
CA HIS A 50 -8.52 -29.21 -5.28
C HIS A 50 -7.98 -30.51 -4.62
N GLY A 51 -7.54 -30.38 -3.39
CA GLY A 51 -6.97 -31.47 -2.60
C GLY A 51 -5.63 -32.00 -3.10
N SER A 52 -4.91 -31.20 -3.91
CA SER A 52 -3.60 -31.57 -4.45
C SER A 52 -2.62 -31.75 -3.30
N ALA A 53 -1.81 -32.82 -3.35
CA ALA A 53 -0.81 -33.15 -2.34
C ALA A 53 0.27 -32.05 -2.28
N GLN A 54 0.59 -31.46 -3.44
CA GLN A 54 1.57 -30.39 -3.55
C GLN A 54 1.14 -29.14 -2.76
N VAL A 55 -0.16 -28.75 -2.86
CA VAL A 55 -0.69 -27.59 -2.12
C VAL A 55 -0.68 -27.90 -0.62
N LYS A 56 -1.08 -29.14 -0.25
CA LYS A 56 -1.06 -29.61 1.14
C LYS A 56 0.37 -29.56 1.72
N GLY A 57 1.34 -30.07 0.96
CA GLY A 57 2.75 -30.07 1.34
C GLY A 57 3.30 -28.67 1.51
N HIS A 58 2.98 -27.77 0.55
CA HIS A 58 3.40 -26.39 0.60
C HIS A 58 2.76 -25.63 1.78
N GLY A 59 1.50 -25.90 2.04
CA GLY A 59 0.73 -25.33 3.15
C GLY A 59 1.40 -25.58 4.50
N LYS A 60 1.95 -26.80 4.67
CA LYS A 60 2.69 -27.20 5.87
C LYS A 60 3.98 -26.39 5.97
N LYS A 61 4.71 -26.20 4.86
CA LYS A 61 5.95 -25.41 4.88
C LYS A 61 5.68 -23.94 5.27
N VAL A 62 4.62 -23.33 4.69
CA VAL A 62 4.22 -21.95 4.99
C VAL A 62 3.87 -21.82 6.49
N ALA A 63 3.01 -22.73 6.98
CA ALA A 63 2.57 -22.74 8.37
C ALA A 63 3.74 -22.94 9.34
N ASP A 64 4.70 -23.85 8.99
CA ASP A 64 5.89 -24.09 9.81
C ASP A 64 6.80 -22.87 9.88
N ALA A 65 6.90 -22.10 8.77
CA ALA A 65 7.68 -20.86 8.72
C ALA A 65 7.04 -19.83 9.66
N LEU A 66 5.69 -19.77 9.69
CA LEU A 66 4.97 -18.86 10.58
C LEU A 66 5.20 -19.25 12.04
N THR A 67 5.18 -20.55 12.37
CA THR A 67 5.49 -21.05 13.73
C THR A 67 6.90 -20.58 14.13
N ASN A 68 7.87 -20.69 13.20
CA ASN A 68 9.25 -20.27 13.41
C ASN A 68 9.34 -18.76 13.61
N ALA A 69 8.55 -17.98 12.83
CA ALA A 69 8.49 -16.52 12.95
C ALA A 69 7.97 -16.13 14.35
N VAL A 70 6.90 -16.79 14.84
CA VAL A 70 6.33 -16.56 16.18
C VAL A 70 7.40 -16.82 17.24
N ALA A 71 8.13 -17.95 17.11
CA ALA A 71 9.18 -18.39 18.05
C ALA A 71 10.38 -17.43 18.08
N HIS A 72 10.58 -16.65 17.00
CA HIS A 72 11.69 -15.68 16.88
C HIS A 72 11.16 -14.31 16.50
N VAL A 73 10.01 -13.93 17.10
CA VAL A 73 9.30 -12.69 16.76
C VAL A 73 10.18 -11.41 16.91
N ASP A 74 11.18 -11.40 17.78
CA ASP A 74 12.08 -10.25 17.97
C ASP A 74 13.37 -10.34 17.15
N ASP A 75 13.53 -11.44 16.39
CA ASP A 75 14.74 -11.66 15.61
C ASP A 75 14.37 -12.19 14.22
N MET A 76 13.26 -11.68 13.67
CA MET A 76 12.75 -12.15 12.38
C MET A 76 13.74 -11.92 11.21
N PRO A 77 14.44 -10.77 11.00
CA PRO A 77 15.36 -10.69 9.85
C PRO A 77 16.41 -11.80 9.85
N ASN A 78 17.00 -12.08 11.02
CA ASN A 78 17.98 -13.16 11.11
C ASN A 78 17.34 -14.55 10.94
N ALA A 79 16.22 -14.82 11.66
CA ALA A 79 15.58 -16.14 11.60
C ALA A 79 14.95 -16.47 10.25
N LEU A 80 14.47 -15.46 9.52
CA LEU A 80 13.81 -15.67 8.24
C LEU A 80 14.66 -15.31 7.02
N SER A 81 15.98 -15.08 7.23
CA SER A 81 16.93 -14.67 6.18
C SER A 81 16.88 -15.57 4.95
N ALA A 82 16.79 -16.90 5.13
CA ALA A 82 16.68 -17.84 3.99
C ALA A 82 15.37 -17.61 3.19
N LEU A 83 14.25 -17.33 3.89
CA LEU A 83 12.98 -17.08 3.22
C LEU A 83 12.98 -15.72 2.49
N SER A 84 13.71 -14.70 3.00
CA SER A 84 13.86 -13.40 2.34
C SER A 84 14.73 -13.60 1.10
N ASP A 85 15.76 -14.44 1.21
CA ASP A 85 16.61 -14.71 0.04
C ASP A 85 15.74 -15.29 -1.08
N LEU A 86 14.84 -16.22 -0.72
CA LEU A 86 13.96 -16.87 -1.67
C LEU A 86 12.90 -15.92 -2.25
N HIS A 87 12.14 -15.25 -1.39
CA HIS A 87 11.04 -14.42 -1.88
C HIS A 87 11.46 -13.07 -2.48
N ALA A 88 12.45 -12.38 -1.87
CA ALA A 88 12.92 -11.06 -2.30
C ALA A 88 14.01 -11.13 -3.36
N HIS A 89 15.00 -12.03 -3.18
CA HIS A 89 16.09 -12.05 -4.15
C HIS A 89 15.79 -12.95 -5.34
N LYS A 90 15.36 -14.19 -5.10
CA LYS A 90 15.12 -15.18 -6.16
C LYS A 90 13.77 -15.01 -6.88
N LEU A 91 12.66 -15.10 -6.14
CA LEU A 91 11.31 -15.07 -6.72
C LEU A 91 10.83 -13.68 -7.09
N ARG A 92 11.32 -12.63 -6.38
CA ARG A 92 10.94 -11.22 -6.58
C ARG A 92 9.42 -11.06 -6.54
N VAL A 93 8.82 -11.65 -5.49
CA VAL A 93 7.37 -11.60 -5.27
C VAL A 93 6.93 -10.16 -5.04
N ASP A 94 5.93 -9.70 -5.81
CA ASP A 94 5.38 -8.37 -5.59
C ASP A 94 4.75 -8.35 -4.17
N PRO A 95 5.09 -7.35 -3.32
CA PRO A 95 4.51 -7.30 -1.97
C PRO A 95 2.98 -7.38 -1.88
N VAL A 96 2.23 -7.01 -2.94
CA VAL A 96 0.76 -7.10 -2.92
C VAL A 96 0.31 -8.54 -2.63
N ASN A 97 1.04 -9.52 -3.16
CA ASN A 97 0.72 -10.94 -2.97
C ASN A 97 0.74 -11.35 -1.52
N PHE A 98 1.66 -10.76 -0.74
CA PHE A 98 1.77 -11.07 0.70
C PHE A 98 0.53 -10.54 1.44
N LYS A 99 -0.02 -9.39 0.99
CA LYS A 99 -1.25 -8.86 1.58
C LYS A 99 -2.41 -9.82 1.28
N LEU A 100 -2.41 -10.42 0.09
CA LEU A 100 -3.46 -11.38 -0.30
C LEU A 100 -3.38 -12.66 0.49
N LEU A 101 -2.18 -13.25 0.64
CA LEU A 101 -2.05 -14.46 1.42
C LEU A 101 -2.37 -14.17 2.90
N SER A 102 -1.91 -13.01 3.42
CA SER A 102 -2.16 -12.63 4.81
C SER A 102 -3.66 -12.57 5.10
N HIS A 103 -4.41 -11.93 4.20
CA HIS A 103 -5.86 -11.82 4.28
C HIS A 103 -6.52 -13.23 4.28
N CYS A 104 -6.07 -14.13 3.38
CA CYS A 104 -6.61 -15.49 3.31
C CYS A 104 -6.31 -16.30 4.55
N LEU A 105 -5.16 -16.05 5.19
CA LEU A 105 -4.86 -16.73 6.46
C LEU A 105 -5.81 -16.21 7.55
N LEU A 106 -6.04 -14.88 7.57
CA LEU A 106 -6.96 -14.32 8.58
C LEU A 106 -8.35 -14.89 8.41
N VAL A 107 -8.81 -15.04 7.15
CA VAL A 107 -10.12 -15.63 6.82
C VAL A 107 -10.21 -17.07 7.34
N THR A 108 -9.15 -17.85 7.12
CA THR A 108 -9.07 -19.26 7.55
C THR A 108 -9.18 -19.34 9.06
N LEU A 109 -8.43 -18.49 9.78
CA LEU A 109 -8.47 -18.46 11.26
C LEU A 109 -9.83 -18.00 11.77
N ALA A 110 -10.46 -17.02 11.08
CA ALA A 110 -11.80 -16.54 11.48
C ALA A 110 -12.85 -17.65 11.33
N ALA A 111 -12.75 -18.44 10.25
CA ALA A 111 -13.69 -19.54 9.99
C ALA A 111 -13.53 -20.73 10.93
N HIS A 112 -12.29 -21.07 11.32
CA HIS A 112 -12.02 -22.30 12.09
C HIS A 112 -11.79 -22.08 13.58
N LEU A 113 -11.35 -20.89 14.00
CA LEU A 113 -11.13 -20.57 15.42
C LEU A 113 -11.96 -19.33 15.82
N PRO A 114 -13.31 -19.36 15.76
CA PRO A 114 -14.08 -18.13 16.05
C PRO A 114 -13.94 -17.56 17.45
N ALA A 115 -13.80 -18.42 18.47
CA ALA A 115 -13.64 -17.97 19.87
C ALA A 115 -12.33 -17.22 20.07
N GLU A 116 -11.28 -17.59 19.32
CA GLU A 116 -9.95 -16.98 19.41
C GLU A 116 -9.82 -15.72 18.58
N PHE A 117 -10.61 -15.62 17.49
CA PHE A 117 -10.54 -14.50 16.55
C PHE A 117 -11.28 -13.25 17.05
N THR A 118 -10.85 -12.71 18.18
CA THR A 118 -11.45 -11.50 18.72
C THR A 118 -10.92 -10.30 17.93
N PRO A 119 -11.56 -9.11 18.02
CA PRO A 119 -11.00 -7.94 17.31
C PRO A 119 -9.54 -7.64 17.71
N ALA A 120 -9.20 -7.71 19.01
CA ALA A 120 -7.82 -7.46 19.47
C ALA A 120 -6.83 -8.46 18.84
N VAL A 121 -7.21 -9.74 18.80
CA VAL A 121 -6.37 -10.81 18.22
C VAL A 121 -6.25 -10.64 16.68
N HIS A 122 -7.37 -10.29 16.00
CA HIS A 122 -7.39 -10.00 14.57
C HIS A 122 -6.38 -8.86 14.29
N ALA A 123 -6.40 -7.80 15.14
CA ALA A 123 -5.46 -6.68 14.97
C ALA A 123 -4.00 -7.12 15.12
N SER A 124 -3.72 -7.94 16.14
CA SER A 124 -2.37 -8.41 16.42
C SER A 124 -1.86 -9.33 15.30
N LEU A 125 -2.73 -10.23 14.80
CA LEU A 125 -2.34 -11.15 13.72
C LEU A 125 -2.07 -10.39 12.42
N ASP A 126 -2.89 -9.37 12.13
CA ASP A 126 -2.72 -8.58 10.92
C ASP A 126 -1.37 -7.84 10.97
N LYS A 127 -1.00 -7.27 12.12
CA LYS A 127 0.29 -6.59 12.28
C LYS A 127 1.47 -7.58 12.15
N PHE A 128 1.32 -8.78 12.75
CA PHE A 128 2.33 -9.83 12.74
C PHE A 128 2.59 -10.28 11.28
N LEU A 129 1.51 -10.55 10.56
CA LEU A 129 1.62 -10.96 9.15
C LEU A 129 2.23 -9.86 8.29
N ALA A 130 1.93 -8.59 8.59
CA ALA A 130 2.54 -7.49 7.84
C ALA A 130 4.06 -7.41 8.12
N SER A 131 4.49 -7.62 9.39
CA SER A 131 5.92 -7.62 9.75
C SER A 131 6.68 -8.76 9.04
N VAL A 132 6.11 -10.00 9.08
CA VAL A 132 6.67 -11.20 8.41
C VAL A 132 6.78 -10.90 6.88
N SER A 133 5.73 -10.24 6.33
CA SER A 133 5.67 -9.86 4.90
C SER A 133 6.78 -8.87 4.53
N THR A 134 7.00 -7.84 5.38
CA THR A 134 8.07 -6.88 5.15
C THR A 134 9.43 -7.59 5.12
N VAL A 135 9.66 -8.55 6.04
CA VAL A 135 10.93 -9.26 6.09
C VAL A 135 11.14 -10.10 4.84
N LEU A 136 10.08 -10.84 4.42
CA LEU A 136 10.18 -11.72 3.26
C LEU A 136 10.34 -10.99 1.92
N THR A 137 9.88 -9.73 1.83
CA THR A 137 9.95 -8.93 0.61
C THR A 137 11.06 -7.91 0.56
N SER A 138 11.86 -7.79 1.62
CA SER A 138 12.97 -6.84 1.66
C SER A 138 14.30 -7.54 1.39
N LYS A 139 15.23 -6.84 0.71
CA LYS A 139 16.59 -7.31 0.48
C LYS A 139 17.44 -6.61 1.55
N TYR A 140 17.90 -7.36 2.55
CA TYR A 140 18.65 -6.76 3.65
C TYR A 140 20.03 -7.42 3.86
N ARG A 141 20.52 -8.13 2.85
CA ARG A 141 21.87 -8.69 2.94
C ARG A 141 22.76 -8.02 1.90
N VAL B 1 -19.15 -6.50 -12.16
CA VAL B 1 -18.72 -7.73 -11.50
C VAL B 1 -19.50 -8.90 -12.08
N HIS B 2 -18.77 -9.89 -12.62
CA HIS B 2 -19.42 -11.08 -13.15
C HIS B 2 -19.29 -12.27 -12.22
N LEU B 3 -20.43 -12.79 -11.76
CA LEU B 3 -20.48 -14.01 -10.96
C LEU B 3 -21.07 -15.09 -11.82
N THR B 4 -20.60 -16.34 -11.66
CA THR B 4 -21.16 -17.49 -12.36
C THR B 4 -22.54 -17.81 -11.74
N PRO B 5 -23.46 -18.53 -12.43
CA PRO B 5 -24.76 -18.86 -11.80
C PRO B 5 -24.61 -19.60 -10.47
N GLU B 6 -23.59 -20.49 -10.35
CA GLU B 6 -23.30 -21.24 -9.12
C GLU B 6 -22.83 -20.26 -8.03
N GLU B 7 -22.00 -19.25 -8.43
CA GLU B 7 -21.50 -18.23 -7.50
C GLU B 7 -22.64 -17.35 -7.00
N LYS B 8 -23.51 -16.88 -7.91
CA LYS B 8 -24.67 -16.04 -7.61
C LYS B 8 -25.60 -16.73 -6.59
N SER B 9 -25.83 -18.04 -6.77
CA SER B 9 -26.67 -18.87 -5.90
C SER B 9 -26.08 -18.99 -4.49
N ALA B 10 -24.78 -19.32 -4.40
CA ALA B 10 -24.06 -19.47 -3.14
C ALA B 10 -23.94 -18.12 -2.39
N VAL B 11 -23.68 -17.01 -3.13
CA VAL B 11 -23.59 -15.66 -2.55
C VAL B 11 -24.96 -15.25 -1.97
N THR B 12 -26.04 -15.43 -2.76
CA THR B 12 -27.41 -15.07 -2.35
C THR B 12 -27.85 -15.87 -1.11
N ALA B 13 -27.65 -17.21 -1.13
CA ALA B 13 -28.03 -18.10 -0.04
C ALA B 13 -27.37 -17.70 1.28
N LEU B 14 -26.04 -17.43 1.26
CA LEU B 14 -25.29 -17.01 2.45
C LEU B 14 -25.76 -15.64 2.94
N TRP B 15 -25.91 -14.68 2.02
CA TRP B 15 -26.32 -13.31 2.33
C TRP B 15 -27.69 -13.27 3.01
N GLY B 16 -28.60 -14.18 2.62
CA GLY B 16 -29.95 -14.27 3.21
C GLY B 16 -29.97 -14.65 4.68
N LYS B 17 -28.86 -15.27 5.15
CA LYS B 17 -28.66 -15.75 6.53
C LYS B 17 -27.89 -14.75 7.41
N VAL B 18 -27.38 -13.65 6.81
CA VAL B 18 -26.60 -12.61 7.51
C VAL B 18 -27.47 -11.93 8.58
N ASN B 19 -26.93 -11.84 9.81
CA ASN B 19 -27.60 -11.13 10.89
C ASN B 19 -27.37 -9.63 10.61
N VAL B 20 -28.44 -8.94 10.15
CA VAL B 20 -28.42 -7.53 9.75
C VAL B 20 -28.10 -6.56 10.89
N ASP B 21 -28.28 -7.02 12.13
CA ASP B 21 -28.02 -6.17 13.29
C ASP B 21 -26.59 -6.24 13.78
N GLU B 22 -25.87 -7.32 13.44
CA GLU B 22 -24.52 -7.59 13.91
C GLU B 22 -23.39 -7.39 12.90
N VAL B 23 -23.46 -8.06 11.74
CA VAL B 23 -22.39 -8.16 10.74
C VAL B 23 -21.80 -6.79 10.33
N GLY B 24 -22.64 -5.81 9.99
CA GLY B 24 -22.18 -4.48 9.59
C GLY B 24 -21.41 -3.76 10.67
N GLY B 25 -21.95 -3.76 11.88
CA GLY B 25 -21.31 -3.16 13.05
C GLY B 25 -20.00 -3.84 13.39
N GLU B 26 -19.93 -5.18 13.22
CA GLU B 26 -18.70 -5.92 13.49
C GLU B 26 -17.63 -5.62 12.44
N ALA B 27 -18.03 -5.45 11.15
CA ALA B 27 -17.06 -5.13 10.10
C ALA B 27 -16.50 -3.69 10.35
N LEU B 28 -17.39 -2.73 10.63
CA LEU B 28 -16.93 -1.37 10.88
C LEU B 28 -16.07 -1.30 12.14
N GLY B 29 -16.50 -1.98 13.21
CA GLY B 29 -15.80 -2.05 14.48
C GLY B 29 -14.40 -2.62 14.27
N ARG B 30 -14.30 -3.74 13.53
CA ARG B 30 -13.00 -4.33 13.23
C ARG B 30 -12.14 -3.40 12.37
N LEU B 31 -12.71 -2.67 11.40
CA LEU B 31 -11.93 -1.69 10.63
C LEU B 31 -11.29 -0.68 11.60
N LEU B 32 -12.08 -0.15 12.55
CA LEU B 32 -11.60 0.84 13.52
C LEU B 32 -10.53 0.30 14.47
N VAL B 33 -10.61 -1.00 14.84
CA VAL B 33 -9.67 -1.64 15.76
C VAL B 33 -8.37 -2.04 15.01
N VAL B 34 -8.52 -2.68 13.86
CA VAL B 34 -7.39 -3.19 13.09
C VAL B 34 -6.59 -2.07 12.37
N TYR B 35 -7.29 -1.03 11.85
CA TYR B 35 -6.66 0.07 11.10
C TYR B 35 -7.05 1.35 11.82
N PRO B 36 -6.36 1.67 12.95
CA PRO B 36 -6.81 2.75 13.85
C PRO B 36 -6.89 4.17 13.29
N TRP B 37 -6.16 4.46 12.19
CA TRP B 37 -6.27 5.80 11.60
C TRP B 37 -7.67 6.07 11.04
N THR B 38 -8.44 5.00 10.73
CA THR B 38 -9.82 5.16 10.20
C THR B 38 -10.72 5.83 11.25
N GLN B 39 -10.32 5.76 12.55
CA GLN B 39 -11.08 6.42 13.64
C GLN B 39 -11.18 7.93 13.49
N ARG B 40 -10.22 8.53 12.76
CA ARG B 40 -10.19 9.98 12.53
C ARG B 40 -11.47 10.49 11.82
N PHE B 41 -12.09 9.64 10.98
CA PHE B 41 -13.29 9.96 10.24
C PHE B 41 -14.56 9.85 11.08
N PHE B 42 -14.46 9.33 12.33
CA PHE B 42 -15.61 9.04 13.18
C PHE B 42 -15.50 9.63 14.58
N GLU B 43 -14.99 10.84 14.67
CA GLU B 43 -14.84 11.54 15.96
C GLU B 43 -16.17 11.83 16.69
N SER B 44 -17.29 11.91 15.95
CA SER B 44 -18.61 12.15 16.54
C SER B 44 -19.17 10.90 17.26
N PHE B 45 -18.48 9.75 17.15
CA PHE B 45 -18.92 8.49 17.78
C PHE B 45 -18.52 8.40 19.27
N GLY B 46 -17.68 9.32 19.73
CA GLY B 46 -17.21 9.33 21.10
C GLY B 46 -16.14 8.30 21.35
N ASP B 47 -16.22 7.62 22.50
CA ASP B 47 -15.25 6.62 22.95
C ASP B 47 -15.02 5.46 21.96
N LEU B 48 -13.79 5.41 21.39
CA LEU B 48 -13.29 4.36 20.48
C LEU B 48 -11.88 3.92 20.92
N SER B 49 -11.55 4.19 22.19
CA SER B 49 -10.25 4.00 22.84
C SER B 49 -9.81 2.57 23.07
N THR B 50 -10.76 1.61 23.08
CA THR B 50 -10.42 0.20 23.30
C THR B 50 -11.25 -0.68 22.36
N PRO B 51 -10.81 -1.92 22.07
CA PRO B 51 -11.66 -2.80 21.25
C PRO B 51 -13.06 -2.99 21.84
N ASP B 52 -13.19 -3.20 23.17
CA ASP B 52 -14.52 -3.34 23.79
C ASP B 52 -15.39 -2.07 23.63
N ALA B 53 -14.79 -0.86 23.77
CA ALA B 53 -15.50 0.42 23.57
C ALA B 53 -15.98 0.54 22.11
N VAL B 54 -15.16 0.14 21.14
CA VAL B 54 -15.54 0.20 19.72
C VAL B 54 -16.71 -0.76 19.44
N MET B 55 -16.55 -2.04 19.80
CA MET B 55 -17.53 -3.09 19.49
C MET B 55 -18.90 -2.89 20.14
N GLY B 56 -18.94 -2.27 21.31
CA GLY B 56 -20.20 -1.99 21.99
C GLY B 56 -20.73 -0.58 21.74
N ASN B 57 -20.06 0.21 20.88
CA ASN B 57 -20.50 1.59 20.61
C ASN B 57 -21.74 1.58 19.70
N PRO B 58 -22.89 2.14 20.15
CA PRO B 58 -24.12 2.09 19.33
C PRO B 58 -24.05 2.87 18.01
N LYS B 59 -23.17 3.89 17.92
CA LYS B 59 -23.01 4.63 16.66
C LYS B 59 -22.26 3.75 15.64
N VAL B 60 -21.32 2.92 16.12
CA VAL B 60 -20.59 1.98 15.27
C VAL B 60 -21.59 0.93 14.73
N LYS B 61 -22.46 0.44 15.61
CA LYS B 61 -23.48 -0.54 15.23
C LYS B 61 -24.45 0.02 14.18
N ALA B 62 -24.99 1.23 14.42
CA ALA B 62 -25.97 1.85 13.52
C ALA B 62 -25.34 2.19 12.16
N HIS B 63 -24.13 2.78 12.19
CA HIS B 63 -23.42 3.11 10.96
C HIS B 63 -23.03 1.84 10.19
N GLY B 64 -22.57 0.82 10.91
CA GLY B 64 -22.24 -0.46 10.31
C GLY B 64 -23.42 -1.08 9.58
N LYS B 65 -24.64 -0.91 10.13
CA LYS B 65 -25.86 -1.41 9.50
C LYS B 65 -26.11 -0.69 8.15
N LYS B 66 -25.82 0.62 8.10
CA LYS B 66 -25.93 1.42 6.86
C LYS B 66 -24.92 0.92 5.83
N VAL B 67 -23.67 0.66 6.29
CA VAL B 67 -22.60 0.12 5.41
C VAL B 67 -23.04 -1.25 4.83
N LEU B 68 -23.58 -2.14 5.68
CA LEU B 68 -24.09 -3.45 5.24
C LEU B 68 -25.19 -3.30 4.18
N GLY B 69 -26.08 -2.31 4.38
CA GLY B 69 -27.15 -1.98 3.43
C GLY B 69 -26.62 -1.62 2.06
N ALA B 70 -25.52 -0.86 2.00
CA ALA B 70 -24.88 -0.46 0.76
C ALA B 70 -24.25 -1.68 0.05
N PHE B 71 -23.60 -2.61 0.82
CA PHE B 71 -23.05 -3.83 0.20
C PHE B 71 -24.21 -4.68 -0.34
N SER B 72 -25.35 -4.75 0.41
CA SER B 72 -26.58 -5.47 0.02
C SER B 72 -27.14 -4.92 -1.31
N ASP B 73 -27.08 -3.58 -1.48
CA ASP B 73 -27.49 -2.85 -2.68
C ASP B 73 -26.54 -3.19 -3.84
N GLY B 74 -25.25 -3.30 -3.55
CA GLY B 74 -24.23 -3.69 -4.52
C GLY B 74 -24.50 -5.07 -5.12
N LEU B 75 -24.85 -6.03 -4.24
CA LEU B 75 -25.20 -7.41 -4.65
C LEU B 75 -26.43 -7.45 -5.57
N ALA B 76 -27.34 -6.49 -5.40
CA ALA B 76 -28.55 -6.43 -6.23
C ALA B 76 -28.29 -5.73 -7.57
N HIS B 77 -27.15 -5.01 -7.71
CA HIS B 77 -26.79 -4.23 -8.91
C HIS B 77 -25.35 -4.47 -9.34
N LEU B 78 -24.93 -5.75 -9.43
CA LEU B 78 -23.56 -6.10 -9.85
C LEU B 78 -23.16 -5.59 -11.24
N ASP B 79 -24.14 -5.42 -12.13
CA ASP B 79 -23.99 -4.93 -13.50
C ASP B 79 -23.91 -3.38 -13.57
N ASN B 80 -24.19 -2.68 -12.46
CA ASN B 80 -24.20 -1.22 -12.44
C ASN B 80 -23.73 -0.68 -11.10
N LEU B 81 -22.55 -1.11 -10.64
CA LEU B 81 -22.06 -0.64 -9.34
C LEU B 81 -21.71 0.85 -9.31
N LYS B 82 -21.05 1.37 -10.36
CA LYS B 82 -20.64 2.77 -10.45
C LYS B 82 -21.82 3.74 -10.43
N GLY B 83 -22.86 3.44 -11.21
CA GLY B 83 -24.07 4.27 -11.27
C GLY B 83 -24.85 4.22 -9.97
N THR B 84 -25.03 3.01 -9.40
CA THR B 84 -25.74 2.80 -8.13
C THR B 84 -25.09 3.61 -6.99
N PHE B 85 -23.74 3.56 -6.91
CA PHE B 85 -22.98 4.23 -5.86
C PHE B 85 -22.40 5.60 -6.25
N ALA B 86 -22.87 6.19 -7.36
CA ALA B 86 -22.38 7.49 -7.83
C ALA B 86 -22.41 8.56 -6.71
N THR B 87 -23.57 8.71 -6.03
CA THR B 87 -23.73 9.66 -4.92
C THR B 87 -22.85 9.29 -3.72
N LEU B 88 -22.80 8.00 -3.37
CA LEU B 88 -21.97 7.49 -2.26
C LEU B 88 -20.50 7.77 -2.55
N SER B 89 -20.07 7.64 -3.82
CA SER B 89 -18.68 7.89 -4.21
C SER B 89 -18.37 9.39 -4.09
N GLU B 90 -19.33 10.27 -4.46
CA GLU B 90 -19.13 11.71 -4.32
C GLU B 90 -18.94 12.07 -2.84
N LEU B 91 -19.72 11.43 -1.93
CA LEU B 91 -19.57 11.70 -0.51
C LEU B 91 -18.17 11.30 0.00
N HIS B 92 -17.73 10.07 -0.29
CA HIS B 92 -16.44 9.57 0.23
C HIS B 92 -15.22 10.21 -0.40
N CYS B 93 -15.29 10.49 -1.72
CA CYS B 93 -14.17 11.04 -2.46
C CYS B 93 -14.09 12.55 -2.41
N ASP B 94 -15.18 13.25 -2.79
CA ASP B 94 -15.20 14.71 -2.85
C ASP B 94 -15.44 15.38 -1.53
N LYS B 95 -16.25 14.78 -0.64
CA LYS B 95 -16.54 15.45 0.62
C LYS B 95 -15.64 14.97 1.78
N LEU B 96 -15.45 13.65 1.92
CA LEU B 96 -14.66 13.09 3.03
C LEU B 96 -13.15 12.94 2.75
N HIS B 97 -12.76 12.76 1.49
CA HIS B 97 -11.37 12.55 1.04
C HIS B 97 -10.79 11.27 1.67
N VAL B 98 -11.59 10.19 1.68
CA VAL B 98 -11.12 8.91 2.23
C VAL B 98 -10.13 8.32 1.24
N ASP B 99 -8.91 8.01 1.69
CA ASP B 99 -7.99 7.36 0.76
C ASP B 99 -8.59 6.04 0.26
N PRO B 100 -8.57 5.78 -1.08
CA PRO B 100 -9.22 4.55 -1.61
C PRO B 100 -8.76 3.21 -1.05
N GLU B 101 -7.52 3.12 -0.57
CA GLU B 101 -7.03 1.89 0.02
C GLU B 101 -7.93 1.47 1.19
N ASN B 102 -8.51 2.45 1.92
CA ASN B 102 -9.38 2.14 3.03
C ASN B 102 -10.67 1.41 2.61
N PHE B 103 -11.17 1.66 1.38
CA PHE B 103 -12.38 0.98 0.87
C PHE B 103 -12.05 -0.51 0.72
N ARG B 104 -10.85 -0.86 0.19
CA ARG B 104 -10.39 -2.25 0.01
C ARG B 104 -10.29 -2.91 1.40
N LEU B 105 -9.72 -2.20 2.37
CA LEU B 105 -9.58 -2.72 3.74
C LEU B 105 -10.94 -3.08 4.35
N LEU B 106 -11.95 -2.17 4.23
CA LEU B 106 -13.28 -2.47 4.76
C LEU B 106 -13.91 -3.69 4.09
N GLY B 107 -13.79 -3.78 2.77
CA GLY B 107 -14.31 -4.94 2.04
C GLY B 107 -13.73 -6.24 2.55
N ASN B 108 -12.40 -6.26 2.80
CA ASN B 108 -11.71 -7.44 3.30
C ASN B 108 -12.05 -7.74 4.75
N VAL B 109 -12.24 -6.69 5.57
CA VAL B 109 -12.68 -6.91 6.95
C VAL B 109 -14.09 -7.55 6.91
N LEU B 110 -14.98 -7.06 6.01
CA LEU B 110 -16.32 -7.66 5.87
C LEU B 110 -16.21 -9.16 5.54
N VAL B 111 -15.26 -9.53 4.63
CA VAL B 111 -15.02 -10.93 4.29
C VAL B 111 -14.60 -11.72 5.54
N CYS B 112 -13.70 -11.15 6.36
CA CYS B 112 -13.28 -11.77 7.64
C CYS B 112 -14.46 -12.01 8.56
N VAL B 113 -15.38 -11.03 8.62
CA VAL B 113 -16.58 -11.14 9.48
C VAL B 113 -17.52 -12.23 8.96
N LEU B 114 -17.72 -12.30 7.64
CA LEU B 114 -18.56 -13.37 7.05
C LEU B 114 -17.99 -14.75 7.37
N ALA B 115 -16.65 -14.89 7.31
CA ALA B 115 -15.94 -16.12 7.65
C ALA B 115 -16.15 -16.43 9.14
N HIS B 116 -16.03 -15.40 9.99
CA HIS B 116 -16.23 -15.52 11.44
C HIS B 116 -17.65 -16.04 11.78
N HIS B 117 -18.67 -15.52 11.11
CA HIS B 117 -20.05 -15.93 11.32
C HIS B 117 -20.43 -17.26 10.70
N PHE B 118 -19.93 -17.57 9.48
CA PHE B 118 -20.34 -18.78 8.78
C PHE B 118 -19.42 -19.99 8.92
N GLY B 119 -18.20 -19.79 9.41
CA GLY B 119 -17.25 -20.87 9.66
C GLY B 119 -16.97 -21.70 8.42
N LYS B 120 -17.08 -23.04 8.53
CA LYS B 120 -16.84 -23.99 7.43
C LYS B 120 -17.72 -23.77 6.20
N GLU B 121 -18.89 -23.13 6.36
CA GLU B 121 -19.80 -22.79 5.25
C GLU B 121 -19.20 -21.71 4.34
N PHE B 122 -18.24 -20.89 4.85
CA PHE B 122 -17.58 -19.86 4.06
C PHE B 122 -16.38 -20.49 3.39
N THR B 123 -16.66 -21.40 2.46
CA THR B 123 -15.69 -22.19 1.71
C THR B 123 -14.81 -21.32 0.81
N PRO B 124 -13.60 -21.81 0.40
CA PRO B 124 -12.79 -21.03 -0.54
C PRO B 124 -13.55 -20.60 -1.82
N PRO B 125 -14.42 -21.43 -2.51
CA PRO B 125 -15.15 -20.88 -3.68
C PRO B 125 -16.16 -19.80 -3.31
N VAL B 126 -16.80 -19.90 -2.11
CA VAL B 126 -17.74 -18.88 -1.62
C VAL B 126 -16.97 -17.58 -1.37
N GLN B 127 -15.78 -17.68 -0.73
CA GLN B 127 -14.93 -16.51 -0.49
C GLN B 127 -14.57 -15.85 -1.81
N ALA B 128 -14.11 -16.63 -2.81
CA ALA B 128 -13.73 -16.11 -4.13
C ALA B 128 -14.83 -15.25 -4.74
N ALA B 129 -16.10 -15.72 -4.67
CA ALA B 129 -17.24 -14.96 -5.20
C ALA B 129 -17.41 -13.65 -4.41
N TYR B 130 -17.32 -13.72 -3.06
CA TYR B 130 -17.43 -12.52 -2.22
C TYR B 130 -16.28 -11.53 -2.46
N GLN B 131 -15.06 -12.03 -2.82
CA GLN B 131 -13.93 -11.14 -3.12
C GLN B 131 -14.20 -10.35 -4.39
N LYS B 132 -14.85 -10.95 -5.39
CA LYS B 132 -15.23 -10.26 -6.63
C LYS B 132 -16.20 -9.14 -6.29
N VAL B 133 -17.15 -9.43 -5.40
CA VAL B 133 -18.17 -8.47 -4.95
C VAL B 133 -17.52 -7.27 -4.23
N VAL B 134 -16.70 -7.54 -3.22
CA VAL B 134 -16.13 -6.45 -2.41
C VAL B 134 -15.13 -5.60 -3.20
N ALA B 135 -14.40 -6.21 -4.15
CA ALA B 135 -13.48 -5.46 -5.02
C ALA B 135 -14.30 -4.49 -5.90
N GLY B 136 -15.45 -4.95 -6.39
CA GLY B 136 -16.33 -4.14 -7.22
C GLY B 136 -16.93 -2.98 -6.47
N VAL B 137 -17.32 -3.22 -5.20
CA VAL B 137 -17.93 -2.20 -4.35
C VAL B 137 -16.84 -1.15 -4.05
N ALA B 138 -15.64 -1.61 -3.66
CA ALA B 138 -14.53 -0.69 -3.36
C ALA B 138 -14.16 0.13 -4.57
N ASN B 139 -14.13 -0.51 -5.77
CA ASN B 139 -13.86 0.19 -7.01
C ASN B 139 -14.96 1.26 -7.29
N ALA B 140 -16.25 0.94 -7.08
CA ALA B 140 -17.36 1.91 -7.26
C ALA B 140 -17.26 3.07 -6.23
N LEU B 141 -16.85 2.79 -4.99
CA LEU B 141 -16.71 3.88 -4.02
C LEU B 141 -15.57 4.85 -4.40
N ALA B 142 -14.50 4.33 -5.06
CA ALA B 142 -13.34 5.13 -5.46
C ALA B 142 -13.45 5.80 -6.85
N HIS B 143 -14.49 5.45 -7.67
CA HIS B 143 -14.68 5.93 -9.04
CA HIS B 143 -14.59 5.91 -9.05
C HIS B 143 -14.65 7.45 -9.19
N LYS B 144 -15.15 8.22 -8.18
CA LYS B 144 -15.16 9.68 -8.32
C LYS B 144 -13.78 10.31 -8.28
N TYR B 145 -12.76 9.53 -7.85
CA TYR B 145 -11.36 9.94 -7.88
C TYR B 145 -10.81 9.76 -9.30
N HIS B 146 -11.24 8.67 -9.99
CA HIS B 146 -10.80 8.27 -11.33
C HIS B 146 -11.17 9.29 -12.41
N VAL C 1 13.04 -3.55 5.91
CA VAL C 1 14.27 -4.03 6.54
C VAL C 1 15.47 -3.45 5.77
N LEU C 2 16.36 -2.75 6.47
CA LEU C 2 17.53 -2.12 5.86
C LEU C 2 18.74 -3.04 5.85
N SER C 3 19.50 -3.04 4.75
CA SER C 3 20.76 -3.78 4.64
C SER C 3 21.88 -2.93 5.28
N PRO C 4 23.08 -3.52 5.53
CA PRO C 4 24.22 -2.73 6.01
C PRO C 4 24.58 -1.62 5.01
N ALA C 5 24.55 -1.90 3.65
CA ALA C 5 24.86 -0.87 2.64
C ALA C 5 23.84 0.29 2.70
N ASP C 6 22.54 -0.03 2.94
CA ASP C 6 21.49 0.99 3.06
C ASP C 6 21.80 1.95 4.19
N LYS C 7 22.21 1.41 5.34
CA LYS C 7 22.51 2.24 6.51
C LYS C 7 23.68 3.17 6.21
N THR C 8 24.73 2.65 5.54
CA THR C 8 25.88 3.45 5.17
C THR C 8 25.47 4.57 4.18
N ASN C 9 24.68 4.21 3.15
CA ASN C 9 24.20 5.16 2.14
C ASN C 9 23.39 6.29 2.79
N VAL C 10 22.49 5.94 3.73
CA VAL C 10 21.61 6.90 4.43
C VAL C 10 22.45 7.85 5.30
N LYS C 11 23.40 7.29 6.09
CA LYS C 11 24.29 8.08 6.95
C LYS C 11 25.10 9.08 6.12
N ALA C 12 25.61 8.65 4.94
CA ALA C 12 26.40 9.51 4.07
C ALA C 12 25.55 10.62 3.45
N ALA C 13 24.40 10.24 2.84
CA ALA C 13 23.50 11.17 2.17
C ALA C 13 22.90 12.16 3.13
N TRP C 14 22.39 11.67 4.28
CA TRP C 14 21.79 12.58 5.27
C TRP C 14 22.83 13.48 5.92
N GLY C 15 24.10 13.02 5.97
CA GLY C 15 25.21 13.80 6.47
C GLY C 15 25.53 14.97 5.55
N LYS C 16 25.33 14.80 4.22
CA LYS C 16 25.58 15.83 3.20
C LYS C 16 24.56 16.97 3.26
N VAL C 17 23.35 16.68 3.78
CA VAL C 17 22.29 17.67 3.98
C VAL C 17 22.79 18.74 4.97
N GLY C 18 23.50 18.28 6.01
CA GLY C 18 24.15 19.09 7.04
C GLY C 18 23.31 20.22 7.61
N ALA C 19 23.80 21.46 7.44
CA ALA C 19 23.17 22.69 7.91
C ALA C 19 21.85 23.01 7.19
N HIS C 20 21.63 22.46 5.98
CA HIS C 20 20.42 22.71 5.20
C HIS C 20 19.23 21.83 5.59
N ALA C 21 19.37 20.96 6.61
CA ALA C 21 18.35 20.00 7.04
C ALA C 21 16.96 20.60 7.14
N GLY C 22 16.86 21.69 7.88
CA GLY C 22 15.62 22.43 8.10
C GLY C 22 15.00 22.99 6.84
N GLU C 23 15.85 23.48 5.92
CA GLU C 23 15.44 24.04 4.62
C GLU C 23 14.81 22.95 3.77
N TYR C 24 15.44 21.75 3.75
CA TYR C 24 14.93 20.61 2.98
C TYR C 24 13.61 20.11 3.58
N GLY C 25 13.52 20.09 4.90
CA GLY C 25 12.32 19.70 5.63
C GLY C 25 11.16 20.62 5.28
N ALA C 26 11.41 21.96 5.31
CA ALA C 26 10.41 22.97 4.97
C ALA C 26 9.96 22.86 3.50
N GLU C 27 10.91 22.68 2.58
CA GLU C 27 10.59 22.57 1.16
C GLU C 27 9.76 21.29 0.89
N ALA C 28 10.11 20.15 1.54
CA ALA C 28 9.38 18.89 1.40
C ALA C 28 7.92 19.06 1.84
N LEU C 29 7.69 19.77 2.97
CA LEU C 29 6.33 20.04 3.43
C LEU C 29 5.56 20.91 2.44
N GLU C 30 6.20 21.99 1.93
CA GLU C 30 5.58 22.89 0.93
C GLU C 30 5.19 22.08 -0.32
N ARG C 31 6.10 21.20 -0.78
CA ARG C 31 5.83 20.37 -1.94
C ARG C 31 4.65 19.45 -1.68
N MET C 32 4.57 18.89 -0.45
CA MET C 32 3.48 18.00 -0.06
C MET C 32 2.14 18.74 -0.04
N PHE C 33 2.09 19.92 0.59
CA PHE C 33 0.86 20.70 0.67
C PHE C 33 0.33 21.13 -0.69
N LEU C 34 1.23 21.51 -1.60
CA LEU C 34 0.83 21.94 -2.94
C LEU C 34 0.47 20.75 -3.83
N SER C 35 1.29 19.67 -3.82
CA SER C 35 1.04 18.51 -4.70
C SER C 35 -0.12 17.64 -4.24
N PHE C 36 -0.33 17.52 -2.92
CA PHE C 36 -1.35 16.63 -2.35
C PHE C 36 -2.15 17.45 -1.33
N PRO C 37 -3.07 18.32 -1.81
CA PRO C 37 -3.79 19.24 -0.88
C PRO C 37 -4.55 18.60 0.27
N THR C 38 -4.92 17.30 0.16
CA THR C 38 -5.62 16.60 1.25
C THR C 38 -4.77 16.57 2.52
N THR C 39 -3.42 16.57 2.36
CA THR C 39 -2.49 16.55 3.52
C THR C 39 -2.65 17.80 4.42
N LYS C 40 -3.17 18.94 3.86
CA LYS C 40 -3.38 20.17 4.65
C LYS C 40 -4.39 19.95 5.78
N THR C 41 -5.28 18.93 5.66
CA THR C 41 -6.29 18.68 6.69
C THR C 41 -5.70 18.39 8.07
N TYR C 42 -4.43 17.93 8.12
CA TYR C 42 -3.77 17.67 9.39
C TYR C 42 -3.22 18.92 10.06
N PHE C 43 -3.15 20.04 9.29
CA PHE C 43 -2.55 21.27 9.79
C PHE C 43 -3.51 22.47 9.69
N PRO C 44 -4.76 22.37 10.21
CA PRO C 44 -5.67 23.53 10.12
C PRO C 44 -5.18 24.75 10.89
N HIS C 45 -4.37 24.49 11.92
CA HIS C 45 -3.83 25.49 12.81
C HIS C 45 -2.55 26.14 12.30
N PHE C 46 -2.09 25.74 11.09
CA PHE C 46 -0.89 26.35 10.54
C PHE C 46 -1.18 27.44 9.54
N ASP C 47 -0.33 28.45 9.55
CA ASP C 47 -0.29 29.45 8.49
C ASP C 47 0.48 28.67 7.38
N LEU C 48 -0.20 28.36 6.26
CA LEU C 48 0.41 27.60 5.17
C LEU C 48 0.75 28.44 3.94
N SER C 49 0.77 29.77 4.09
CA SER C 49 1.18 30.70 3.03
C SER C 49 2.66 30.44 2.70
N HIS C 50 3.10 30.73 1.46
CA HIS C 50 4.48 30.53 1.06
C HIS C 50 5.46 31.32 1.94
N GLY C 51 6.53 30.67 2.40
CA GLY C 51 7.55 31.25 3.24
C GLY C 51 7.09 31.52 4.67
N SER C 52 6.00 30.87 5.11
CA SER C 52 5.46 30.99 6.45
C SER C 52 6.49 30.51 7.45
N ALA C 53 6.67 31.26 8.55
CA ALA C 53 7.62 30.92 9.62
C ALA C 53 7.26 29.60 10.29
N GLN C 54 5.94 29.33 10.41
CA GLN C 54 5.42 28.09 10.98
C GLN C 54 5.86 26.85 10.18
N VAL C 55 5.79 26.92 8.82
CA VAL C 55 6.19 25.81 7.95
C VAL C 55 7.72 25.61 8.07
N LYS C 56 8.48 26.74 8.10
CA LYS C 56 9.93 26.72 8.27
C LYS C 56 10.31 26.07 9.62
N GLY C 57 9.63 26.46 10.69
CA GLY C 57 9.85 25.92 12.03
C GLY C 57 9.54 24.44 12.10
N HIS C 58 8.40 24.03 11.49
CA HIS C 58 8.01 22.64 11.46
C HIS C 58 8.97 21.78 10.62
N GLY C 59 9.43 22.35 9.51
CA GLY C 59 10.40 21.70 8.61
C GLY C 59 11.68 21.30 9.32
N LYS C 60 12.14 22.19 10.24
CA LYS C 60 13.32 21.96 11.07
C LYS C 60 13.05 20.81 12.04
N LYS C 61 11.86 20.77 12.69
CA LYS C 61 11.49 19.67 13.62
C LYS C 61 11.47 18.30 12.89
N VAL C 62 10.86 18.25 11.70
CA VAL C 62 10.79 17.03 10.87
C VAL C 62 12.19 16.55 10.54
N ALA C 63 13.02 17.46 10.01
CA ALA C 63 14.40 17.16 9.60
C ALA C 63 15.24 16.70 10.77
N ASP C 64 15.07 17.34 11.97
CA ASP C 64 15.79 16.96 13.19
C ASP C 64 15.39 15.58 13.69
N ALA C 65 14.10 15.20 13.51
CA ALA C 65 13.59 13.87 13.87
C ALA C 65 14.26 12.83 12.97
N LEU C 66 14.41 13.13 11.66
CA LEU C 66 15.08 12.26 10.72
C LEU C 66 16.56 12.08 11.09
N THR C 67 17.25 13.17 11.47
CA THR C 67 18.64 13.10 11.94
C THR C 67 18.74 12.16 13.15
N ASN C 68 17.78 12.27 14.10
CA ASN C 68 17.70 11.42 15.28
C ASN C 68 17.45 9.95 14.89
N ALA C 69 16.57 9.72 13.88
CA ALA C 69 16.31 8.37 13.35
C ALA C 69 17.61 7.76 12.76
N VAL C 70 18.37 8.53 11.98
CA VAL C 70 19.66 8.08 11.41
C VAL C 70 20.65 7.70 12.56
N ALA C 71 20.71 8.55 13.60
CA ALA C 71 21.59 8.37 14.77
C ALA C 71 21.20 7.14 15.62
N HIS C 72 19.97 6.62 15.44
CA HIS C 72 19.51 5.43 16.16
C HIS C 72 18.85 4.46 15.16
N VAL C 73 19.46 4.31 13.97
CA VAL C 73 18.86 3.53 12.85
C VAL C 73 18.53 2.06 13.23
N ASP C 74 19.27 1.45 14.19
CA ASP C 74 18.98 0.07 14.60
C ASP C 74 18.09 -0.01 15.86
N ASP C 75 17.64 1.13 16.38
CA ASP C 75 16.81 1.19 17.58
C ASP C 75 15.68 2.24 17.38
N MET C 76 15.15 2.31 16.15
CA MET C 76 14.11 3.30 15.83
C MET C 76 12.82 3.17 16.64
N PRO C 77 12.21 1.97 16.88
CA PRO C 77 10.98 1.93 17.69
C PRO C 77 11.16 2.60 19.07
N ASN C 78 12.27 2.31 19.75
CA ASN C 78 12.54 2.94 21.06
C ASN C 78 12.86 4.44 20.93
N ALA C 79 13.74 4.82 19.98
CA ALA C 79 14.13 6.22 19.82
C ALA C 79 13.00 7.15 19.34
N LEU C 80 12.07 6.61 18.54
CA LEU C 80 10.97 7.41 17.98
C LEU C 80 9.62 7.18 18.67
N SER C 81 9.62 6.50 19.84
CA SER C 81 8.41 6.14 20.59
C SER C 81 7.46 7.32 20.82
N ALA C 82 8.00 8.50 21.20
CA ALA C 82 7.18 9.72 21.38
C ALA C 82 6.53 10.19 20.06
N LEU C 83 7.28 10.10 18.93
CA LEU C 83 6.72 10.51 17.64
C LEU C 83 5.66 9.55 17.16
N SER C 84 5.86 8.26 17.48
CA SER C 84 4.91 7.21 17.13
C SER C 84 3.61 7.47 17.90
N ASP C 85 3.69 7.76 19.21
CA ASP C 85 2.51 8.08 20.01
C ASP C 85 1.76 9.27 19.41
N LEU C 86 2.48 10.33 19.01
CA LEU C 86 1.87 11.50 18.39
C LEU C 86 1.17 11.17 17.08
N HIS C 87 1.86 10.54 16.14
CA HIS C 87 1.29 10.30 14.82
C HIS C 87 0.26 9.18 14.75
N ALA C 88 0.48 8.08 15.49
CA ALA C 88 -0.42 6.93 15.43
C ALA C 88 -1.58 7.02 16.42
N HIS C 89 -1.30 7.38 17.69
CA HIS C 89 -2.33 7.42 18.73
C HIS C 89 -3.11 8.74 18.73
N LYS C 90 -2.40 9.87 18.76
CA LYS C 90 -3.05 11.18 18.86
C LYS C 90 -3.60 11.71 17.52
N LEU C 91 -2.72 11.86 16.52
CA LEU C 91 -3.11 12.44 15.23
C LEU C 91 -3.85 11.49 14.30
N ARG C 92 -3.61 10.17 14.44
CA ARG C 92 -4.26 9.13 13.62
CA ARG C 92 -4.26 9.13 13.62
C ARG C 92 -4.02 9.41 12.13
N VAL C 93 -2.75 9.73 11.79
CA VAL C 93 -2.38 10.03 10.41
C VAL C 93 -2.55 8.78 9.53
N ASP C 94 -3.33 8.91 8.44
CA ASP C 94 -3.45 7.79 7.49
C ASP C 94 -2.03 7.51 6.90
N PRO C 95 -1.59 6.23 6.93
CA PRO C 95 -0.25 5.91 6.40
C PRO C 95 0.06 6.39 4.98
N VAL C 96 -0.97 6.62 4.14
CA VAL C 96 -0.73 7.11 2.77
C VAL C 96 0.04 8.45 2.79
N ASN C 97 -0.25 9.30 3.79
CA ASN C 97 0.37 10.60 3.92
C ASN C 97 1.87 10.50 4.11
N PHE C 98 2.35 9.45 4.80
CA PHE C 98 3.78 9.23 5.00
C PHE C 98 4.46 8.91 3.66
N LYS C 99 3.77 8.17 2.80
CA LYS C 99 4.29 7.89 1.46
C LYS C 99 4.44 9.20 0.67
N LEU C 100 3.47 10.12 0.84
CA LEU C 100 3.47 11.42 0.16
C LEU C 100 4.59 12.32 0.65
N LEU C 101 4.77 12.44 1.97
CA LEU C 101 5.85 13.25 2.49
C LEU C 101 7.20 12.64 2.09
N SER C 102 7.33 11.29 2.19
CA SER C 102 8.58 10.62 1.87
C SER C 102 9.00 10.93 0.43
N HIS C 103 8.01 10.85 -0.51
CA HIS C 103 8.22 11.17 -1.93
C HIS C 103 8.69 12.62 -2.11
N CYS C 104 8.04 13.58 -1.39
CA CYS C 104 8.43 14.99 -1.49
C CYS C 104 9.80 15.26 -0.94
N LEU C 105 10.22 14.50 0.09
CA LEU C 105 11.58 14.63 0.60
C LEU C 105 12.56 14.11 -0.46
N LEU C 106 12.24 12.98 -1.10
CA LEU C 106 13.13 12.43 -2.14
C LEU C 106 13.27 13.42 -3.28
N VAL C 107 12.16 14.07 -3.69
CA VAL C 107 12.15 15.09 -4.76
C VAL C 107 13.08 16.26 -4.37
N THR C 108 12.97 16.73 -3.13
CA THR C 108 13.77 17.85 -2.61
C THR C 108 15.26 17.50 -2.66
N LEU C 109 15.63 16.26 -2.21
CA LEU C 109 17.01 15.80 -2.22
C LEU C 109 17.50 15.66 -3.66
N ALA C 110 16.66 15.15 -4.58
CA ALA C 110 17.02 14.99 -6.00
C ALA C 110 17.31 16.36 -6.66
N ALA C 111 16.51 17.38 -6.33
CA ALA C 111 16.66 18.71 -6.89
C ALA C 111 17.88 19.47 -6.34
N HIS C 112 18.21 19.30 -5.04
CA HIS C 112 19.27 20.09 -4.38
C HIS C 112 20.60 19.39 -4.18
N LEU C 113 20.60 18.05 -4.13
CA LEU C 113 21.84 17.28 -3.97
C LEU C 113 21.95 16.26 -5.13
N PRO C 114 22.05 16.70 -6.43
CA PRO C 114 22.07 15.72 -7.53
C PRO C 114 23.22 14.74 -7.53
N ALA C 115 24.42 15.18 -7.09
CA ALA C 115 25.61 14.31 -7.04
C ALA C 115 25.45 13.16 -6.04
N GLU C 116 24.69 13.41 -4.95
CA GLU C 116 24.45 12.43 -3.90
C GLU C 116 23.30 11.49 -4.23
N PHE C 117 22.34 11.96 -5.03
CA PHE C 117 21.12 11.21 -5.35
C PHE C 117 21.34 10.16 -6.43
N THR C 118 22.22 9.20 -6.16
CA THR C 118 22.46 8.12 -7.12
C THR C 118 21.31 7.11 -7.02
N PRO C 119 21.13 6.21 -8.00
CA PRO C 119 20.07 5.18 -7.87
C PRO C 119 20.22 4.35 -6.58
N ALA C 120 21.44 3.93 -6.20
CA ALA C 120 21.67 3.15 -4.99
C ALA C 120 21.24 3.94 -3.73
N VAL C 121 21.59 5.23 -3.67
CA VAL C 121 21.26 6.10 -2.54
C VAL C 121 19.74 6.37 -2.50
N HIS C 122 19.11 6.62 -3.67
CA HIS C 122 17.66 6.81 -3.81
C HIS C 122 16.99 5.57 -3.22
N ALA C 123 17.46 4.35 -3.56
CA ALA C 123 16.88 3.11 -3.04
C ALA C 123 17.01 3.03 -1.51
N SER C 124 18.19 3.35 -0.98
CA SER C 124 18.45 3.25 0.45
C SER C 124 17.62 4.27 1.23
N LEU C 125 17.50 5.51 0.71
CA LEU C 125 16.71 6.55 1.38
C LEU C 125 15.22 6.20 1.35
N ASP C 126 14.74 5.63 0.23
CA ASP C 126 13.32 5.25 0.13
C ASP C 126 13.01 4.16 1.16
N LYS C 127 13.89 3.18 1.35
CA LYS C 127 13.69 2.12 2.33
C LYS C 127 13.75 2.68 3.76
N PHE C 128 14.68 3.59 4.01
CA PHE C 128 14.84 4.25 5.32
C PHE C 128 13.56 5.04 5.68
N LEU C 129 13.07 5.84 4.75
CA LEU C 129 11.85 6.62 4.97
C LEU C 129 10.63 5.70 5.16
N ALA C 130 10.58 4.55 4.47
CA ALA C 130 9.48 3.59 4.67
C ALA C 130 9.58 2.96 6.08
N SER C 131 10.80 2.63 6.57
CA SER C 131 10.99 2.07 7.92
C SER C 131 10.57 3.09 8.99
N VAL C 132 11.00 4.37 8.85
CA VAL C 132 10.64 5.47 9.76
C VAL C 132 9.10 5.62 9.74
N SER C 133 8.49 5.54 8.54
CA SER C 133 7.04 5.66 8.36
C SER C 133 6.29 4.54 9.08
N THR C 134 6.77 3.29 8.97
CA THR C 134 6.16 2.15 9.67
C THR C 134 6.20 2.40 11.19
N VAL C 135 7.35 2.91 11.70
CA VAL C 135 7.48 3.17 13.14
C VAL C 135 6.49 4.27 13.58
N LEU C 136 6.40 5.37 12.81
CA LEU C 136 5.52 6.49 13.18
C LEU C 136 4.02 6.20 13.08
N THR C 137 3.64 5.21 12.24
CA THR C 137 2.23 4.82 12.05
C THR C 137 1.79 3.59 12.81
N SER C 138 2.69 2.95 13.57
CA SER C 138 2.36 1.77 14.36
C SER C 138 2.14 2.12 15.83
N LYS C 139 1.24 1.40 16.49
CA LYS C 139 1.00 1.53 17.93
C LYS C 139 1.76 0.35 18.54
N TYR C 140 2.92 0.59 19.17
CA TYR C 140 3.73 -0.47 19.78
C TYR C 140 3.97 -0.19 21.24
N ARG C 141 3.72 1.08 21.63
CA ARG C 141 3.69 1.64 22.97
C ARG C 141 4.91 1.32 23.86
N VAL D 1 -7.41 15.09 -16.92
CA VAL D 1 -6.67 15.87 -15.94
C VAL D 1 -6.86 17.35 -16.18
N HIS D 2 -7.25 18.12 -15.15
CA HIS D 2 -7.39 19.56 -15.30
C HIS D 2 -6.17 20.31 -14.80
N LEU D 3 -5.52 21.03 -15.71
CA LEU D 3 -4.39 21.89 -15.37
C LEU D 3 -4.84 23.31 -15.61
N THR D 4 -4.39 24.25 -14.78
CA THR D 4 -4.68 25.66 -14.99
C THR D 4 -3.86 26.13 -16.22
N PRO D 5 -4.22 27.25 -16.90
CA PRO D 5 -3.40 27.68 -18.06
C PRO D 5 -1.94 27.91 -17.70
N GLU D 6 -1.66 28.44 -16.48
CA GLU D 6 -0.29 28.66 -15.99
C GLU D 6 0.41 27.31 -15.80
N GLU D 7 -0.32 26.30 -15.29
CA GLU D 7 0.22 24.95 -15.09
C GLU D 7 0.55 24.29 -16.43
N LYS D 8 -0.39 24.38 -17.39
CA LYS D 8 -0.21 23.81 -18.74
C LYS D 8 1.03 24.38 -19.43
N SER D 9 1.25 25.72 -19.28
CA SER D 9 2.38 26.43 -19.87
C SER D 9 3.72 25.97 -19.25
N ALA D 10 3.79 25.90 -17.92
CA ALA D 10 4.98 25.47 -17.17
C ALA D 10 5.30 24.00 -17.45
N VAL D 11 4.26 23.12 -17.52
CA VAL D 11 4.44 21.68 -17.80
C VAL D 11 5.01 21.51 -19.23
N THR D 12 4.39 22.19 -20.22
CA THR D 12 4.81 22.11 -21.63
C THR D 12 6.26 22.60 -21.82
N ALA D 13 6.59 23.78 -21.25
CA ALA D 13 7.91 24.40 -21.36
C ALA D 13 9.01 23.48 -20.82
N LEU D 14 8.81 22.89 -19.61
CA LEU D 14 9.76 21.95 -19.00
C LEU D 14 9.91 20.68 -19.84
N TRP D 15 8.76 20.09 -20.27
CA TRP D 15 8.73 18.86 -21.03
C TRP D 15 9.49 18.99 -22.36
N GLY D 16 9.47 20.18 -22.97
CA GLY D 16 10.18 20.43 -24.22
C GLY D 16 11.70 20.36 -24.11
N LYS D 17 12.22 20.51 -22.87
CA LYS D 17 13.65 20.48 -22.51
C LYS D 17 14.14 19.11 -22.04
N VAL D 18 13.22 18.13 -21.90
CA VAL D 18 13.54 16.77 -21.43
C VAL D 18 14.50 16.07 -22.39
N ASN D 19 15.59 15.50 -21.85
CA ASN D 19 16.54 14.73 -22.66
C ASN D 19 15.87 13.36 -22.91
N VAL D 20 15.40 13.12 -24.14
CA VAL D 20 14.64 11.93 -24.55
C VAL D 20 15.44 10.64 -24.47
N ASP D 21 16.77 10.73 -24.48
CA ASP D 21 17.60 9.55 -24.43
C ASP D 21 17.94 9.11 -23.03
N GLU D 22 17.80 10.02 -22.05
CA GLU D 22 18.16 9.75 -20.66
C GLU D 22 16.99 9.56 -19.69
N VAL D 23 16.08 10.53 -19.62
CA VAL D 23 15.01 10.61 -18.60
C VAL D 23 14.19 9.30 -18.46
N GLY D 24 13.70 8.75 -19.57
CA GLY D 24 12.88 7.54 -19.53
C GLY D 24 13.63 6.33 -18.98
N GLY D 25 14.85 6.12 -19.49
CA GLY D 25 15.72 5.03 -19.04
C GLY D 25 16.09 5.18 -17.58
N GLU D 26 16.31 6.43 -17.12
CA GLU D 26 16.63 6.68 -15.71
C GLU D 26 15.45 6.43 -14.82
N ALA D 27 14.21 6.78 -15.26
CA ALA D 27 13.01 6.53 -14.45
C ALA D 27 12.78 5.00 -14.34
N LEU D 28 12.86 4.29 -15.47
CA LEU D 28 12.67 2.84 -15.43
C LEU D 28 13.77 2.15 -14.61
N GLY D 29 15.02 2.58 -14.82
CA GLY D 29 16.18 2.05 -14.11
C GLY D 29 16.00 2.23 -12.61
N ARG D 30 15.60 3.46 -12.19
CA ARG D 30 15.37 3.70 -10.77
C ARG D 30 14.19 2.88 -10.24
N LEU D 31 13.11 2.69 -11.03
CA LEU D 31 12.01 1.81 -10.56
C LEU D 31 12.58 0.43 -10.23
N LEU D 32 13.41 -0.13 -11.15
CA LEU D 32 14.01 -1.47 -10.97
C LEU D 32 14.97 -1.57 -9.76
N VAL D 33 15.70 -0.48 -9.45
CA VAL D 33 16.66 -0.44 -8.34
C VAL D 33 15.94 -0.21 -7.00
N VAL D 34 15.02 0.77 -6.97
CA VAL D 34 14.31 1.15 -5.75
C VAL D 34 13.23 0.13 -5.33
N TYR D 35 12.51 -0.45 -6.31
CA TYR D 35 11.41 -1.41 -6.04
C TYR D 35 11.78 -2.69 -6.78
N PRO D 36 12.68 -3.52 -6.19
CA PRO D 36 13.28 -4.64 -6.93
C PRO D 36 12.35 -5.74 -7.43
N TRP D 37 11.14 -5.88 -6.86
CA TRP D 37 10.22 -6.91 -7.37
C TRP D 37 9.76 -6.57 -8.81
N THR D 38 9.87 -5.27 -9.23
CA THR D 38 9.47 -4.87 -10.60
C THR D 38 10.38 -5.55 -11.63
N GLN D 39 11.58 -6.00 -11.19
CA GLN D 39 12.53 -6.70 -12.10
C GLN D 39 11.97 -8.01 -12.64
N ARG D 40 10.99 -8.62 -11.91
CA ARG D 40 10.37 -9.89 -12.31
C ARG D 40 9.70 -9.77 -13.70
N PHE D 41 9.19 -8.59 -14.02
CA PHE D 41 8.51 -8.34 -15.29
C PHE D 41 9.49 -8.14 -16.47
N PHE D 42 10.79 -8.04 -16.20
CA PHE D 42 11.79 -7.72 -17.21
C PHE D 42 12.95 -8.71 -17.29
N GLU D 43 12.64 -9.99 -17.13
CA GLU D 43 13.64 -11.06 -17.19
C GLU D 43 14.34 -11.20 -18.56
N SER D 44 13.71 -10.74 -19.65
CA SER D 44 14.31 -10.78 -20.99
C SER D 44 15.42 -9.72 -21.17
N PHE D 45 15.59 -8.80 -20.19
CA PHE D 45 16.59 -7.73 -20.24
C PHE D 45 18.00 -8.20 -19.81
N GLY D 46 18.08 -9.42 -19.28
CA GLY D 46 19.34 -9.97 -18.82
C GLY D 46 19.75 -9.41 -17.47
N ASP D 47 21.05 -9.11 -17.33
CA ASP D 47 21.65 -8.63 -16.09
C ASP D 47 21.01 -7.36 -15.52
N LEU D 48 20.38 -7.50 -14.34
CA LEU D 48 19.76 -6.42 -13.55
C LEU D 48 20.14 -6.56 -12.06
N SER D 49 21.24 -7.31 -11.82
CA SER D 49 21.77 -7.71 -10.52
C SER D 49 22.35 -6.60 -9.66
N THR D 50 22.76 -5.47 -10.27
CA THR D 50 23.33 -4.35 -9.51
C THR D 50 22.77 -3.03 -10.06
N PRO D 51 22.81 -1.92 -9.27
CA PRO D 51 22.39 -0.63 -9.82
C PRO D 51 23.17 -0.25 -11.10
N ASP D 52 24.51 -0.46 -11.14
CA ASP D 52 25.28 -0.15 -12.36
C ASP D 52 24.85 -1.01 -13.57
N ALA D 53 24.54 -2.30 -13.35
CA ALA D 53 24.05 -3.18 -14.43
C ALA D 53 22.68 -2.70 -14.94
N VAL D 54 21.79 -2.27 -14.05
CA VAL D 54 20.48 -1.75 -14.45
C VAL D 54 20.62 -0.47 -15.29
N MET D 55 21.33 0.54 -14.74
CA MET D 55 21.46 1.86 -15.35
C MET D 55 22.18 1.86 -16.71
N GLY D 56 23.10 0.92 -16.94
CA GLY D 56 23.81 0.79 -18.21
C GLY D 56 23.21 -0.23 -19.15
N ASN D 57 22.06 -0.85 -18.76
CA ASN D 57 21.43 -1.88 -19.60
C ASN D 57 20.72 -1.23 -20.81
N PRO D 58 21.10 -1.56 -22.07
CA PRO D 58 20.45 -0.91 -23.24
C PRO D 58 18.98 -1.22 -23.43
N LYS D 59 18.49 -2.36 -22.90
CA LYS D 59 17.07 -2.68 -22.97
C LYS D 59 16.29 -1.79 -22.01
N VAL D 60 16.90 -1.46 -20.85
CA VAL D 60 16.28 -0.54 -19.86
C VAL D 60 16.18 0.85 -20.51
N LYS D 61 17.25 1.28 -21.17
CA LYS D 61 17.29 2.59 -21.84
C LYS D 61 16.22 2.68 -22.95
N ALA D 62 16.16 1.67 -23.83
CA ALA D 62 15.23 1.69 -24.96
C ALA D 62 13.78 1.59 -24.48
N HIS D 63 13.50 0.70 -23.51
CA HIS D 63 12.16 0.55 -22.98
C HIS D 63 11.75 1.82 -22.23
N GLY D 64 12.68 2.39 -21.45
CA GLY D 64 12.44 3.65 -20.75
C GLY D 64 12.04 4.78 -21.69
N LYS D 65 12.64 4.81 -22.91
CA LYS D 65 12.29 5.81 -23.92
C LYS D 65 10.86 5.62 -24.41
N LYS D 66 10.41 4.35 -24.56
CA LYS D 66 9.02 4.01 -24.93
C LYS D 66 8.06 4.47 -23.82
N VAL D 67 8.44 4.22 -22.55
CA VAL D 67 7.64 4.65 -21.39
C VAL D 67 7.51 6.19 -21.39
N LEU D 68 8.63 6.93 -21.64
CA LEU D 68 8.60 8.41 -21.72
C LEU D 68 7.64 8.88 -22.85
N GLY D 69 7.66 8.17 -23.98
CA GLY D 69 6.78 8.44 -25.12
C GLY D 69 5.30 8.32 -24.74
N ALA D 70 4.97 7.33 -23.89
CA ALA D 70 3.58 7.12 -23.43
C ALA D 70 3.16 8.26 -22.47
N PHE D 71 4.06 8.72 -21.56
CA PHE D 71 3.73 9.85 -20.69
C PHE D 71 3.52 11.11 -21.57
N SER D 72 4.34 11.24 -22.61
CA SER D 72 4.24 12.36 -23.56
C SER D 72 2.89 12.34 -24.30
N ASP D 73 2.42 11.12 -24.69
CA ASP D 73 1.10 10.87 -25.33
C ASP D 73 0.00 11.31 -24.34
N GLY D 74 0.20 11.05 -23.05
CA GLY D 74 -0.73 11.47 -22.00
C GLY D 74 -0.88 12.99 -21.97
N LEU D 75 0.26 13.70 -22.01
CA LEU D 75 0.26 15.18 -22.05
C LEU D 75 -0.46 15.75 -23.30
N ALA D 76 -0.41 15.01 -24.42
CA ALA D 76 -1.09 15.46 -25.64
C ALA D 76 -2.61 15.19 -25.58
N HIS D 77 -3.07 14.33 -24.65
CA HIS D 77 -4.48 13.94 -24.51
C HIS D 77 -4.97 13.99 -23.05
N LEU D 78 -4.71 15.11 -22.35
CA LEU D 78 -5.09 15.24 -20.93
C LEU D 78 -6.61 15.13 -20.67
N ASP D 79 -7.42 15.46 -21.67
CA ASP D 79 -8.88 15.39 -21.63
C ASP D 79 -9.42 13.96 -21.93
N ASN D 80 -8.55 13.05 -22.41
CA ASN D 80 -8.99 11.69 -22.76
C ASN D 80 -7.91 10.67 -22.45
N LEU D 81 -7.44 10.66 -21.19
CA LEU D 81 -6.41 9.72 -20.76
C LEU D 81 -6.86 8.26 -20.82
N LYS D 82 -8.10 7.97 -20.40
CA LYS D 82 -8.67 6.61 -20.41
C LYS D 82 -8.62 6.00 -21.82
N GLY D 83 -9.07 6.75 -22.82
CA GLY D 83 -9.09 6.33 -24.23
C GLY D 83 -7.71 6.15 -24.83
N THR D 84 -6.81 7.12 -24.58
CA THR D 84 -5.43 7.11 -25.07
C THR D 84 -4.66 5.86 -24.58
N PHE D 85 -4.88 5.46 -23.31
CA PHE D 85 -4.15 4.35 -22.68
C PHE D 85 -4.93 3.04 -22.64
N ALA D 86 -6.08 2.96 -23.33
CA ALA D 86 -6.90 1.76 -23.36
C ALA D 86 -6.13 0.50 -23.73
N THR D 87 -5.42 0.50 -24.89
CA THR D 87 -4.62 -0.65 -25.34
C THR D 87 -3.49 -0.95 -24.33
N LEU D 88 -2.81 0.09 -23.80
CA LEU D 88 -1.75 -0.13 -22.80
C LEU D 88 -2.28 -0.72 -21.49
N SER D 89 -3.47 -0.27 -21.05
CA SER D 89 -4.12 -0.75 -19.84
C SER D 89 -4.43 -2.24 -19.98
N GLU D 90 -4.97 -2.66 -21.14
CA GLU D 90 -5.27 -4.07 -21.42
C GLU D 90 -3.96 -4.88 -21.36
N LEU D 91 -2.87 -4.37 -21.95
CA LEU D 91 -1.59 -5.08 -21.92
C LEU D 91 -1.11 -5.28 -20.47
N HIS D 92 -1.02 -4.19 -19.69
CA HIS D 92 -0.53 -4.23 -18.31
C HIS D 92 -1.41 -5.05 -17.34
N CYS D 93 -2.76 -5.01 -17.49
CA CYS D 93 -3.71 -5.77 -16.66
C CYS D 93 -3.85 -7.20 -17.07
N ASP D 94 -4.56 -7.41 -18.19
CA ASP D 94 -4.98 -8.71 -18.69
C ASP D 94 -3.85 -9.64 -19.04
N LYS D 95 -2.74 -9.11 -19.58
CA LYS D 95 -1.63 -9.95 -20.00
C LYS D 95 -0.48 -10.05 -18.99
N LEU D 96 0.02 -8.89 -18.51
CA LEU D 96 1.19 -8.84 -17.61
C LEU D 96 0.84 -8.98 -16.12
N HIS D 97 -0.39 -8.64 -15.72
CA HIS D 97 -0.88 -8.66 -14.34
C HIS D 97 0.01 -7.77 -13.44
N VAL D 98 0.23 -6.54 -13.88
CA VAL D 98 1.05 -5.59 -13.09
C VAL D 98 0.14 -4.98 -12.04
N ASP D 99 0.50 -5.16 -10.77
CA ASP D 99 -0.32 -4.55 -9.74
C ASP D 99 -0.36 -3.01 -9.93
N PRO D 100 -1.56 -2.39 -9.88
CA PRO D 100 -1.66 -0.93 -10.15
C PRO D 100 -0.82 0.00 -9.27
N GLU D 101 -0.50 -0.41 -8.04
CA GLU D 101 0.35 0.39 -7.17
C GLU D 101 1.69 0.67 -7.86
N ASN D 102 2.17 -0.27 -8.71
CA ASN D 102 3.44 -0.07 -9.40
C ASN D 102 3.38 1.08 -10.41
N PHE D 103 2.18 1.38 -10.96
CA PHE D 103 1.99 2.50 -11.91
C PHE D 103 2.24 3.82 -11.18
N ARG D 104 1.70 3.93 -9.95
CA ARG D 104 1.89 5.11 -9.09
C ARG D 104 3.38 5.27 -8.76
N LEU D 105 4.05 4.17 -8.43
CA LEU D 105 5.49 4.19 -8.13
C LEU D 105 6.30 4.71 -9.30
N LEU D 106 6.02 4.21 -10.54
CA LEU D 106 6.77 4.68 -11.72
C LEU D 106 6.53 6.17 -11.97
N GLY D 107 5.27 6.61 -11.85
CA GLY D 107 4.94 8.04 -12.02
C GLY D 107 5.76 8.90 -11.08
N ASN D 108 5.87 8.48 -9.82
CA ASN D 108 6.61 9.22 -8.80
C ASN D 108 8.11 9.14 -9.01
N VAL D 109 8.62 8.00 -9.48
CA VAL D 109 10.04 7.90 -9.83
C VAL D 109 10.33 8.88 -10.99
N LEU D 110 9.43 8.95 -11.99
CA LEU D 110 9.59 9.92 -13.10
C LEU D 110 9.69 11.35 -12.55
N VAL D 111 8.82 11.71 -11.57
CA VAL D 111 8.86 13.02 -10.93
C VAL D 111 10.25 13.24 -10.26
N CYS D 112 10.78 12.22 -9.54
CA CYS D 112 12.12 12.30 -8.92
C CYS D 112 13.18 12.58 -9.98
N VAL D 113 13.06 11.91 -11.15
CA VAL D 113 14.02 12.08 -12.26
C VAL D 113 13.93 13.49 -12.83
N LEU D 114 12.71 14.01 -13.01
CA LEU D 114 12.55 15.38 -13.53
C LEU D 114 13.18 16.40 -12.56
N ALA D 115 13.03 16.17 -11.24
CA ALA D 115 13.64 16.99 -10.20
C ALA D 115 15.17 16.89 -10.30
N HIS D 116 15.68 15.65 -10.47
CA HIS D 116 17.11 15.40 -10.60
C HIS D 116 17.72 16.15 -11.80
N HIS D 117 17.02 16.16 -12.93
CA HIS D 117 17.47 16.84 -14.15
C HIS D 117 17.29 18.37 -14.14
N PHE D 118 16.18 18.87 -13.58
CA PHE D 118 15.89 20.30 -13.63
C PHE D 118 16.28 21.10 -12.38
N GLY D 119 16.63 20.42 -11.28
CA GLY D 119 17.06 21.08 -10.05
C GLY D 119 16.09 22.12 -9.55
N LYS D 120 16.58 23.34 -9.24
CA LYS D 120 15.76 24.46 -8.72
C LYS D 120 14.59 24.87 -9.62
N GLU D 121 14.69 24.60 -10.96
CA GLU D 121 13.63 24.88 -11.93
C GLU D 121 12.40 23.99 -11.69
N PHE D 122 12.57 22.82 -11.03
CA PHE D 122 11.45 21.93 -10.73
C PHE D 122 10.86 22.36 -9.38
N THR D 123 10.26 23.55 -9.41
CA THR D 123 9.67 24.23 -8.24
C THR D 123 8.47 23.45 -7.67
N PRO D 124 8.09 23.68 -6.38
CA PRO D 124 6.90 23.02 -5.85
C PRO D 124 5.64 23.23 -6.73
N PRO D 125 5.30 24.43 -7.32
CA PRO D 125 4.11 24.49 -8.20
C PRO D 125 4.27 23.67 -9.48
N VAL D 126 5.49 23.58 -10.03
CA VAL D 126 5.77 22.78 -11.23
C VAL D 126 5.56 21.30 -10.89
N GLN D 127 6.08 20.86 -9.73
CA GLN D 127 5.89 19.49 -9.26
C GLN D 127 4.40 19.18 -9.12
N ALA D 128 3.63 20.06 -8.47
CA ALA D 128 2.20 19.88 -8.26
C ALA D 128 1.46 19.60 -9.58
N ALA D 129 1.78 20.35 -10.64
CA ALA D 129 1.18 20.16 -11.95
C ALA D 129 1.58 18.77 -12.51
N TYR D 130 2.87 18.40 -12.40
CA TYR D 130 3.34 17.09 -12.84
C TYR D 130 2.72 15.94 -12.06
N GLN D 131 2.41 16.15 -10.76
CA GLN D 131 1.75 15.11 -9.94
C GLN D 131 0.34 14.85 -10.46
N LYS D 132 -0.37 15.90 -10.91
CA LYS D 132 -1.72 15.74 -11.48
C LYS D 132 -1.61 14.89 -12.75
N VAL D 133 -0.57 15.17 -13.54
CA VAL D 133 -0.34 14.44 -14.82
C VAL D 133 -0.04 12.95 -14.55
N VAL D 134 0.94 12.66 -13.68
CA VAL D 134 1.33 11.26 -13.44
C VAL D 134 0.22 10.46 -12.76
N ALA D 135 -0.59 11.09 -11.89
CA ALA D 135 -1.73 10.41 -11.24
C ALA D 135 -2.75 10.04 -12.31
N GLY D 136 -3.03 10.96 -13.24
CA GLY D 136 -3.97 10.73 -14.35
C GLY D 136 -3.50 9.59 -15.24
N VAL D 137 -2.18 9.56 -15.55
CA VAL D 137 -1.57 8.47 -16.37
C VAL D 137 -1.68 7.11 -15.60
N ALA D 138 -1.26 7.07 -14.30
CA ALA D 138 -1.38 5.83 -13.50
C ALA D 138 -2.84 5.34 -13.43
N ASN D 139 -3.80 6.28 -13.20
CA ASN D 139 -5.22 5.93 -13.17
C ASN D 139 -5.69 5.34 -14.51
N ALA D 140 -5.31 5.98 -15.64
CA ALA D 140 -5.68 5.54 -17.00
C ALA D 140 -5.10 4.14 -17.26
N LEU D 141 -3.86 3.90 -16.83
CA LEU D 141 -3.24 2.57 -17.00
C LEU D 141 -3.92 1.48 -16.19
N ALA D 142 -4.53 1.87 -15.06
CA ALA D 142 -5.26 0.97 -14.16
C ALA D 142 -6.77 0.89 -14.52
N HIS D 143 -7.26 1.66 -15.55
CA HIS D 143 -8.68 1.67 -15.93
C HIS D 143 -9.26 0.30 -16.28
N LYS D 144 -8.51 -0.56 -16.99
CA LYS D 144 -9.04 -1.88 -17.37
C LYS D 144 -9.23 -2.84 -16.18
N TYR D 145 -8.64 -2.51 -15.02
CA TYR D 145 -8.79 -3.25 -13.77
C TYR D 145 -10.12 -2.80 -13.15
N HIS D 146 -10.47 -1.49 -13.30
CA HIS D 146 -11.70 -0.89 -12.78
C HIS D 146 -12.90 -1.41 -13.58
#